data_3NGC
#
_entry.id   3NGC
#
_cell.length_a   162.766
_cell.length_b   162.766
_cell.length_c   162.766
_cell.angle_alpha   90.00
_cell.angle_beta   90.00
_cell.angle_gamma   90.00
#
_symmetry.space_group_name_H-M   'P 4 3 2'
#
loop_
_entity.id
_entity.type
_entity.pdbx_description
1 polymer '6-hydroxy-L-nicotine oxidase'
2 non-polymer 5-[(2S)-1-methylpyrrolidin-2-yl]pyridin-2-ol
3 non-polymer 'FLAVIN-ADENINE DINUCLEOTIDE'
4 non-polymer '(1R)-2-{[(S)-(2-aminoethoxy)(hydroxy)phosphoryl]oxy}-1-[(pentadecanoyloxy)methyl]ethyl (12E)-hexadeca-9,12-dienoate'
5 non-polymer 5-(1-methyl-4,5-dihydro-1H-pyrrol-2-yl)pyridin-2-ol
6 water water
#
_entity_poly.entity_id   1
_entity_poly.type   'polypeptide(L)'
_entity_poly.pdbx_seq_one_letter_code
;MYDAIVVGGGFSGLKAARDLTNAGKKVLLLEGGERLGGRAYSRESRNVPGLRVEIGGAYLHRKHHPRLAAELDRYGIPTA
AASEFTSFRHRLGPTAVDQAFPIPGSEAVAVEAATYTLLRDAHRIDLEKGLENQDLEDLDIPLNEYVDKLDLPPVSRQFL
LAWAWNMLGQPADQASALWMLQLVAAHHYSILGVVLSLDEVFSNGSADLVDAMSQEIPEIRLQTVVTGIDQSGDVVNVTV
KDGHAFQAHSVIVATPMNTWRRIVFTPALPERRRSVIEEGHGGQGLKILIHVRGAEAGIECVGDGIFPTLYDYCEVSESE
RLLVAFTDSGSFDPTDIGAVKDAVLYYLPEVEVLGIDYHDWIADPLFEGPWVAPRVGQFSRVHKELGEPAGRIHFVGSDV
SLEFPGYIEGALETAECAVNAILHSHHHHHH
;
_entity_poly.pdbx_strand_id   X
#
# COMPACT_ATOMS: atom_id res chain seq x y z
N MET A 1 -17.12 -28.01 8.36
CA MET A 1 -16.87 -26.71 9.04
C MET A 1 -15.39 -26.62 9.48
N TYR A 2 -14.93 -25.40 9.75
CA TYR A 2 -13.53 -25.14 9.95
C TYR A 2 -13.38 -24.46 11.30
N ASP A 3 -12.20 -24.50 11.91
CA ASP A 3 -11.91 -23.57 13.05
C ASP A 3 -11.98 -22.14 12.54
N ALA A 4 -11.49 -21.91 11.31
CA ALA A 4 -11.34 -20.52 10.76
C ALA A 4 -11.51 -20.51 9.23
N ILE A 5 -12.33 -19.57 8.75
CA ILE A 5 -12.22 -19.26 7.36
C ILE A 5 -11.45 -17.95 7.14
N VAL A 6 -10.42 -18.00 6.31
CA VAL A 6 -9.73 -16.75 5.97
C VAL A 6 -10.21 -16.35 4.57
N VAL A 7 -10.80 -15.15 4.49
CA VAL A 7 -11.27 -14.57 3.22
C VAL A 7 -10.23 -13.55 2.67
N GLY A 8 -9.56 -13.92 1.58
CA GLY A 8 -8.63 -13.06 0.81
C GLY A 8 -7.24 -13.71 0.92
N GLY A 9 -6.52 -13.81 -0.21
CA GLY A 9 -5.26 -14.49 -0.29
C GLY A 9 -4.12 -13.62 -0.57
N GLY A 10 -4.13 -12.45 0.05
CA GLY A 10 -3.01 -11.49 -0.05
C GLY A 10 -2.06 -11.90 1.05
N PHE A 11 -1.04 -11.10 1.34
CA PHE A 11 -0.09 -11.47 2.42
C PHE A 11 -0.74 -11.63 3.80
N SER A 12 -1.71 -10.77 4.11
CA SER A 12 -2.46 -10.87 5.33
C SER A 12 -3.19 -12.21 5.46
N GLY A 13 -3.96 -12.63 4.44
CA GLY A 13 -4.73 -13.90 4.55
C GLY A 13 -3.82 -15.12 4.56
N LEU A 14 -2.81 -15.07 3.71
CA LEU A 14 -1.81 -16.11 3.66
C LEU A 14 -1.13 -16.31 5.01
N LYS A 15 -0.67 -15.24 5.65
CA LYS A 15 -0.06 -15.41 6.95
C LYS A 15 -1.01 -16.00 7.99
N ALA A 16 -2.21 -15.44 8.10
CA ALA A 16 -3.18 -15.92 9.05
C ALA A 16 -3.47 -17.41 8.87
N ALA A 17 -3.78 -17.77 7.64
CA ALA A 17 -4.10 -19.15 7.31
C ALA A 17 -2.97 -20.11 7.63
N ARG A 18 -1.76 -19.75 7.24
CA ARG A 18 -0.60 -20.56 7.52
C ARG A 18 -0.35 -20.74 9.01
N ASP A 19 -0.45 -19.64 9.74
CA ASP A 19 -0.09 -19.66 11.14
C ASP A 19 -1.12 -20.43 11.95
N LEU A 20 -2.39 -20.13 11.72
CA LEU A 20 -3.49 -20.96 12.20
C LEU A 20 -3.36 -22.45 11.93
N THR A 21 -3.07 -22.85 10.70
CA THR A 21 -2.88 -24.26 10.41
C THR A 21 -1.73 -24.87 11.20
N ASN A 22 -0.63 -24.14 11.28
CA ASN A 22 0.52 -24.60 12.03
C ASN A 22 0.28 -24.69 13.53
N ALA A 23 -0.68 -23.92 14.02
CA ALA A 23 -1.16 -24.06 15.38
C ALA A 23 -2.10 -25.25 15.58
N GLY A 24 -2.42 -25.93 14.49
CA GLY A 24 -3.20 -27.15 14.56
C GLY A 24 -4.67 -26.91 14.27
N LYS A 25 -4.97 -25.71 13.79
CA LYS A 25 -6.34 -25.38 13.45
C LYS A 25 -6.70 -25.93 12.09
N LYS A 26 -7.99 -26.15 11.90
CA LYS A 26 -8.52 -26.48 10.59
C LYS A 26 -8.98 -25.24 9.84
N VAL A 27 -8.29 -24.93 8.76
CA VAL A 27 -8.44 -23.64 8.10
C VAL A 27 -8.79 -23.79 6.65
N LEU A 28 -9.78 -23.02 6.22
CA LEU A 28 -10.01 -22.81 4.81
C LEU A 28 -9.67 -21.40 4.33
N LEU A 29 -8.88 -21.30 3.28
CA LEU A 29 -8.68 -19.96 2.66
C LEU A 29 -9.45 -19.72 1.36
N LEU A 30 -10.30 -18.68 1.32
CA LEU A 30 -11.06 -18.40 0.12
C LEU A 30 -10.53 -17.15 -0.61
N GLU A 31 -10.15 -17.26 -1.88
CA GLU A 31 -9.59 -16.13 -2.66
C GLU A 31 -10.54 -15.93 -3.84
N GLY A 32 -11.00 -14.71 -4.04
CA GLY A 32 -11.90 -14.40 -5.14
C GLY A 32 -11.25 -14.56 -6.50
N GLY A 33 -9.97 -14.26 -6.60
CA GLY A 33 -9.30 -14.16 -7.88
C GLY A 33 -8.68 -15.45 -8.38
N GLU A 34 -7.89 -15.34 -9.44
CA GLU A 34 -7.25 -16.49 -10.03
C GLU A 34 -5.81 -16.66 -9.57
N ARG A 35 -5.41 -15.88 -8.59
CA ARG A 35 -4.04 -15.92 -8.08
C ARG A 35 -4.01 -15.52 -6.62
N LEU A 36 -2.94 -15.89 -5.95
CA LEU A 36 -2.73 -15.45 -4.55
C LEU A 36 -1.79 -14.21 -4.58
N GLY A 37 -1.75 -13.33 -3.56
CA GLY A 37 -0.80 -12.23 -3.50
C GLY A 37 -1.49 -10.87 -3.44
N GLY A 38 -2.67 -10.77 -4.03
CA GLY A 38 -3.48 -9.57 -3.91
C GLY A 38 -2.72 -8.37 -4.48
N ARG A 39 -2.45 -7.34 -3.63
CA ARG A 39 -1.86 -6.13 -4.18
C ARG A 39 -0.34 -6.30 -4.36
N ALA A 40 0.20 -7.44 -3.94
CA ALA A 40 1.56 -7.77 -4.33
C ALA A 40 1.40 -8.67 -5.56
N TYR A 41 1.68 -8.15 -6.75
CA TYR A 41 1.35 -8.86 -7.97
C TYR A 41 2.56 -8.80 -8.89
N SER A 42 3.44 -9.80 -8.83
CA SER A 42 4.50 -9.90 -9.85
C SER A 42 4.01 -10.71 -11.02
N ARG A 43 4.40 -10.34 -12.23
CA ARG A 43 3.94 -11.06 -13.43
C ARG A 43 4.80 -10.59 -14.59
N GLU A 44 4.59 -11.22 -15.73
CA GLU A 44 5.27 -10.81 -16.95
C GLU A 44 4.86 -9.42 -17.37
N SER A 45 5.89 -8.63 -17.71
CA SER A 45 5.76 -7.36 -18.39
C SER A 45 4.86 -7.47 -19.61
N ARG A 46 3.87 -6.55 -19.73
CA ARG A 46 3.11 -6.35 -20.95
C ARG A 46 3.98 -5.76 -22.06
N ASN A 47 5.13 -5.17 -21.74
CA ASN A 47 5.87 -4.51 -22.80
C ASN A 47 7.06 -5.32 -23.23
N VAL A 48 7.68 -6.02 -22.29
CA VAL A 48 8.88 -6.76 -22.58
C VAL A 48 8.70 -8.23 -22.27
N PRO A 49 8.39 -8.99 -23.33
CA PRO A 49 8.41 -10.44 -23.27
C PRO A 49 9.52 -11.00 -22.43
N GLY A 50 9.15 -11.88 -21.52
CA GLY A 50 10.11 -12.57 -20.70
C GLY A 50 10.54 -11.80 -19.49
N LEU A 51 10.03 -10.59 -19.28
CA LEU A 51 10.52 -9.80 -18.13
C LEU A 51 9.46 -9.81 -17.06
N ARG A 52 9.91 -10.18 -15.88
CA ARG A 52 9.04 -10.18 -14.71
C ARG A 52 9.01 -8.81 -13.97
N VAL A 53 7.82 -8.27 -13.70
CA VAL A 53 7.72 -6.94 -13.08
C VAL A 53 6.78 -6.97 -11.86
N GLU A 54 6.92 -5.98 -10.96
CA GLU A 54 5.99 -5.78 -9.86
C GLU A 54 5.00 -4.76 -10.28
N ILE A 55 3.76 -5.18 -10.42
CA ILE A 55 2.70 -4.27 -10.81
C ILE A 55 1.99 -3.61 -9.62
N GLY A 56 2.25 -4.17 -8.44
CA GLY A 56 1.86 -3.56 -7.19
C GLY A 56 3.02 -3.43 -6.24
N GLY A 57 2.86 -3.99 -5.05
CA GLY A 57 3.86 -3.91 -4.01
C GLY A 57 5.19 -4.58 -4.26
N ALA A 58 6.27 -3.84 -4.07
CA ALA A 58 7.59 -4.26 -4.50
C ALA A 58 8.71 -3.97 -3.51
N TYR A 59 8.63 -2.82 -2.85
CA TYR A 59 9.75 -2.33 -2.08
C TYR A 59 9.62 -2.65 -0.59
N LEU A 60 10.75 -2.93 0.03
CA LEU A 60 10.81 -3.22 1.45
C LEU A 60 12.09 -2.73 2.10
N HIS A 61 12.07 -2.68 3.43
CA HIS A 61 13.22 -2.30 4.22
C HIS A 61 13.25 -3.10 5.52
N ARG A 62 14.26 -3.95 5.65
CA ARG A 62 14.32 -4.94 6.71
C ARG A 62 14.23 -4.35 8.11
N LYS A 63 14.78 -3.17 8.27
CA LYS A 63 14.80 -2.52 9.56
C LYS A 63 13.46 -1.93 9.96
N HIS A 64 12.72 -1.42 8.98
CA HIS A 64 11.37 -0.96 9.25
C HIS A 64 10.36 -2.08 9.20
N HIS A 65 10.72 -3.17 8.55
CA HIS A 65 9.76 -4.20 8.17
C HIS A 65 10.18 -5.57 8.68
N PRO A 66 10.19 -5.75 9.99
CA PRO A 66 10.85 -6.90 10.59
C PRO A 66 10.08 -8.20 10.40
N ARG A 67 8.77 -8.12 10.34
CA ARG A 67 7.96 -9.30 10.10
C ARG A 67 8.23 -9.83 8.72
N LEU A 68 8.28 -8.94 7.76
CA LEU A 68 8.59 -9.30 6.39
C LEU A 68 10.00 -9.85 6.30
N ALA A 69 10.92 -9.26 7.04
CA ALA A 69 12.29 -9.70 7.03
C ALA A 69 12.39 -11.12 7.54
N ALA A 70 11.56 -11.43 8.53
CA ALA A 70 11.47 -12.78 9.07
C ALA A 70 10.96 -13.78 8.05
N GLU A 71 9.95 -13.41 7.28
CA GLU A 71 9.43 -14.24 6.20
C GLU A 71 10.50 -14.54 5.16
N LEU A 72 11.27 -13.53 4.78
CA LEU A 72 12.34 -13.71 3.83
C LEU A 72 13.42 -14.65 4.33
N ASP A 73 13.81 -14.47 5.59
CA ASP A 73 14.76 -15.37 6.24
C ASP A 73 14.23 -16.80 6.36
N ARG A 74 12.99 -16.92 6.82
CA ARG A 74 12.31 -18.21 6.89
C ARG A 74 12.41 -19.02 5.62
N TYR A 75 12.14 -18.40 4.48
CA TYR A 75 12.08 -19.12 3.22
C TYR A 75 13.32 -18.99 2.33
N GLY A 76 14.34 -18.31 2.83
CA GLY A 76 15.52 -18.02 2.04
C GLY A 76 15.19 -17.30 0.76
N ILE A 77 14.37 -16.29 0.85
CA ILE A 77 14.00 -15.53 -0.32
C ILE A 77 14.93 -14.37 -0.57
N PRO A 78 15.53 -14.34 -1.75
CA PRO A 78 16.56 -13.36 -2.06
C PRO A 78 15.99 -12.00 -2.42
N THR A 79 16.70 -10.97 -2.01
CA THR A 79 16.30 -9.60 -2.28
C THR A 79 17.50 -8.77 -2.69
N ALA A 80 17.24 -7.55 -3.13
CA ALA A 80 18.29 -6.65 -3.57
C ALA A 80 17.68 -5.30 -3.83
N ALA A 81 18.51 -4.27 -3.90
CA ALA A 81 18.11 -3.04 -4.57
C ALA A 81 17.83 -3.26 -6.06
N ALA A 82 16.78 -2.64 -6.57
CA ALA A 82 16.44 -2.72 -7.98
C ALA A 82 17.52 -2.08 -8.83
N SER A 83 18.23 -1.13 -8.24
CA SER A 83 19.11 -0.24 -8.97
C SER A 83 19.96 0.59 -8.02
N GLU A 84 21.11 1.04 -8.49
CA GLU A 84 21.87 2.08 -7.82
C GLU A 84 21.51 3.43 -8.43
N PHE A 85 21.23 4.41 -7.59
CA PHE A 85 20.74 5.68 -8.09
C PHE A 85 21.80 6.78 -8.03
N THR A 86 22.08 7.35 -9.20
CA THR A 86 23.34 8.04 -9.43
C THR A 86 23.10 9.28 -10.26
N SER A 87 22.11 9.23 -11.13
CA SER A 87 21.76 10.39 -11.89
C SER A 87 20.46 11.05 -11.49
N PHE A 88 20.56 12.27 -11.00
CA PHE A 88 19.40 13.00 -10.56
C PHE A 88 18.99 14.10 -11.53
N ARG A 89 17.71 14.14 -11.86
CA ARG A 89 17.18 15.01 -12.90
C ARG A 89 15.91 15.68 -12.38
N HIS A 90 16.07 16.48 -11.35
CA HIS A 90 14.94 17.07 -10.66
C HIS A 90 14.32 18.22 -11.42
N ARG A 91 13.04 18.45 -11.17
CA ARG A 91 12.38 19.68 -11.53
C ARG A 91 11.87 20.42 -10.31
N LEU A 92 12.78 21.12 -9.65
CA LEU A 92 12.51 21.74 -8.37
C LEU A 92 12.96 23.18 -8.44
N GLY A 93 13.28 23.62 -9.64
CA GLY A 93 13.73 24.96 -9.87
C GLY A 93 15.24 25.08 -9.95
N PRO A 94 15.69 26.30 -10.19
CA PRO A 94 17.07 26.56 -10.56
C PRO A 94 18.02 26.52 -9.39
N THR A 95 17.51 26.58 -8.17
CA THR A 95 18.37 26.48 -7.00
C THR A 95 18.58 25.08 -6.46
N ALA A 96 17.79 24.12 -6.93
CA ALA A 96 17.82 22.78 -6.30
C ALA A 96 19.18 22.17 -6.68
N VAL A 97 19.67 21.23 -5.90
CA VAL A 97 20.85 20.54 -6.35
C VAL A 97 20.52 19.13 -6.89
N ASP A 98 21.28 18.68 -7.86
CA ASP A 98 20.97 17.39 -8.41
C ASP A 98 21.61 16.31 -7.60
N GLN A 99 21.00 16.06 -6.44
CA GLN A 99 21.40 15.00 -5.55
C GLN A 99 20.11 14.36 -5.02
N ALA A 100 20.24 13.27 -4.25
CA ALA A 100 19.07 12.60 -3.68
C ALA A 100 18.35 13.49 -2.72
N PHE A 101 19.11 14.31 -2.00
CA PHE A 101 18.56 15.35 -1.13
C PHE A 101 18.91 16.69 -1.72
N PRO A 102 17.95 17.31 -2.38
CA PRO A 102 18.23 18.32 -3.38
C PRO A 102 18.14 19.71 -2.80
N ILE A 103 18.01 19.81 -1.48
CA ILE A 103 17.85 21.08 -0.80
C ILE A 103 19.15 21.87 -0.77
N PRO A 104 19.12 23.11 -1.21
CA PRO A 104 20.30 23.96 -1.18
C PRO A 104 20.49 24.64 0.18
N GLY A 105 21.70 25.13 0.40
CA GLY A 105 22.06 25.76 1.65
C GLY A 105 21.14 26.89 2.07
N SER A 106 20.71 27.68 1.10
CA SER A 106 19.85 28.79 1.36
C SER A 106 18.51 28.39 1.98
N GLU A 107 18.19 27.11 1.97
CA GLU A 107 16.94 26.64 2.52
C GLU A 107 17.12 25.83 3.79
N ALA A 108 18.36 25.73 4.25
CA ALA A 108 18.69 24.82 5.33
C ALA A 108 17.96 25.12 6.62
N VAL A 109 17.89 26.40 6.96
CA VAL A 109 17.24 26.82 8.18
C VAL A 109 15.74 26.50 8.17
N ALA A 110 15.12 26.73 7.02
CA ALA A 110 13.72 26.39 6.83
C ALA A 110 13.45 24.90 6.98
N VAL A 111 14.31 24.08 6.39
CA VAL A 111 14.21 22.65 6.54
C VAL A 111 14.35 22.23 7.99
N GLU A 112 15.38 22.74 8.65
CA GLU A 112 15.62 22.48 10.05
C GLU A 112 14.37 22.72 10.88
N ALA A 113 13.77 23.88 10.70
CA ALA A 113 12.57 24.23 11.43
C ALA A 113 11.39 23.33 11.09
N ALA A 114 11.27 22.97 9.83
CA ALA A 114 10.18 22.13 9.38
C ALA A 114 10.35 20.71 9.88
N THR A 115 11.57 20.24 9.88
CA THR A 115 11.89 19.00 10.54
C THR A 115 11.36 18.96 11.97
N TYR A 116 11.72 19.95 12.78
CA TYR A 116 11.25 20.01 14.14
C TYR A 116 9.74 19.97 14.23
N THR A 117 9.08 20.82 13.44
CA THR A 117 7.64 20.93 13.46
C THR A 117 6.91 19.65 13.07
N LEU A 118 7.35 19.02 11.98
CA LEU A 118 6.75 17.77 11.52
C LEU A 118 6.90 16.67 12.55
N LEU A 119 8.10 16.56 13.12
CA LEU A 119 8.39 15.48 14.04
C LEU A 119 7.72 15.67 15.39
N ARG A 120 7.70 16.90 15.88
CA ARG A 120 6.90 17.24 17.04
C ARG A 120 5.46 16.79 16.87
N ASP A 121 4.89 17.07 15.71
CA ASP A 121 3.53 16.71 15.41
C ASP A 121 3.33 15.20 15.32
N ALA A 122 4.27 14.52 14.67
CA ALA A 122 4.21 13.08 14.56
C ALA A 122 4.31 12.40 15.92
N HIS A 123 5.10 13.00 16.81
CA HIS A 123 5.26 12.49 18.16
C HIS A 123 4.01 12.60 18.99
N ARG A 124 3.01 13.30 18.47
CA ARG A 124 1.70 13.30 19.08
C ARG A 124 0.96 11.97 18.95
N ILE A 125 1.41 11.14 18.01
CA ILE A 125 0.73 9.93 17.61
C ILE A 125 1.31 8.74 18.37
N ASP A 126 0.48 8.14 19.20
CA ASP A 126 0.74 6.82 19.75
C ASP A 126 0.16 5.76 18.83
N LEU A 127 1.02 4.88 18.33
CA LEU A 127 0.64 3.94 17.30
C LEU A 127 -0.27 2.81 17.78
N GLU A 128 -0.53 2.71 19.07
CA GLU A 128 -1.35 1.60 19.52
C GLU A 128 -2.79 1.96 19.70
N LYS A 129 -3.08 3.26 19.65
CA LYS A 129 -4.36 3.78 20.10
C LYS A 129 -5.43 4.03 19.06
N GLY A 130 -5.04 4.17 17.80
CA GLY A 130 -5.98 4.62 16.80
C GLY A 130 -5.98 6.16 16.65
N LEU A 131 -5.97 6.62 15.40
CA LEU A 131 -5.98 8.02 15.11
C LEU A 131 -7.26 8.75 15.55
N GLU A 132 -8.35 8.02 15.83
CA GLU A 132 -9.60 8.61 16.28
C GLU A 132 -9.65 8.75 17.79
N ASN A 133 -8.63 8.24 18.50
CA ASN A 133 -8.66 8.19 19.94
C ASN A 133 -7.69 9.12 20.70
N GLN A 134 -7.25 10.20 20.07
CA GLN A 134 -6.10 10.87 20.62
C GLN A 134 -6.12 12.36 20.49
N ASP A 135 -7.28 12.97 20.27
CA ASP A 135 -7.36 14.40 20.10
C ASP A 135 -6.45 14.92 19.00
N LEU A 136 -6.59 14.35 17.81
CA LEU A 136 -5.65 14.58 16.73
C LEU A 136 -6.33 15.32 15.59
N GLU A 137 -7.56 15.75 15.84
CA GLU A 137 -8.46 16.22 14.81
C GLU A 137 -7.96 17.50 14.17
N ASP A 138 -7.19 18.27 14.92
CA ASP A 138 -6.61 19.50 14.44
C ASP A 138 -5.56 19.25 13.38
N LEU A 139 -5.01 18.04 13.39
CA LEU A 139 -4.05 17.66 12.35
C LEU A 139 -4.78 17.07 11.10
N ASP A 140 -6.02 16.58 11.29
CA ASP A 140 -6.76 15.94 10.22
C ASP A 140 -7.36 16.98 9.25
N ILE A 141 -6.49 17.62 8.46
CA ILE A 141 -6.85 18.70 7.60
C ILE A 141 -6.14 18.43 6.29
N PRO A 142 -6.50 19.13 5.20
CA PRO A 142 -5.83 18.92 3.92
C PRO A 142 -4.32 19.22 3.99
N LEU A 143 -3.51 18.33 3.44
CA LEU A 143 -2.06 18.45 3.50
C LEU A 143 -1.58 19.82 3.06
N ASN A 144 -2.14 20.34 1.98
CA ASN A 144 -1.70 21.61 1.47
C ASN A 144 -1.87 22.75 2.46
N GLU A 145 -2.94 22.69 3.25
CA GLU A 145 -3.12 23.66 4.31
C GLU A 145 -2.08 23.52 5.40
N TYR A 146 -1.79 22.29 5.79
CA TYR A 146 -0.77 22.02 6.79
C TYR A 146 0.57 22.56 6.33
N VAL A 147 0.92 22.28 5.08
CA VAL A 147 2.20 22.65 4.54
C VAL A 147 2.35 24.16 4.34
N ASP A 148 1.25 24.82 3.99
CA ASP A 148 1.23 26.27 3.97
C ASP A 148 1.65 26.87 5.31
N LYS A 149 1.23 26.25 6.40
CA LYS A 149 1.68 26.63 7.73
C LYS A 149 3.18 26.46 8.02
N LEU A 150 3.84 25.57 7.30
CA LEU A 150 5.28 25.44 7.42
C LEU A 150 6.02 26.58 6.72
N ASP A 151 5.35 27.23 5.79
CA ASP A 151 5.97 28.24 4.94
C ASP A 151 7.34 27.97 4.33
N LEU A 152 7.54 26.75 3.87
CA LEU A 152 8.75 26.38 3.16
C LEU A 152 8.99 27.12 1.87
N PRO A 153 10.23 27.53 1.66
CA PRO A 153 10.70 27.95 0.35
C PRO A 153 10.66 26.84 -0.68
N PRO A 154 10.95 27.18 -1.92
CA PRO A 154 10.37 26.48 -3.06
C PRO A 154 10.91 25.08 -3.25
N VAL A 155 12.22 24.87 -3.18
CA VAL A 155 12.79 23.53 -3.37
C VAL A 155 12.22 22.55 -2.38
N SER A 156 12.36 22.85 -1.10
CA SER A 156 11.90 21.98 -0.05
C SER A 156 10.38 21.79 0.06
N ARG A 157 9.62 22.84 -0.21
CA ARG A 157 8.18 22.75 -0.34
C ARG A 157 7.77 21.75 -1.41
N GLN A 158 8.33 21.91 -2.60
CA GLN A 158 7.98 21.04 -3.69
C GLN A 158 8.51 19.64 -3.51
N PHE A 159 9.67 19.53 -2.87
CA PHE A 159 10.25 18.21 -2.61
C PHE A 159 9.34 17.40 -1.68
N LEU A 160 8.84 18.06 -0.66
CA LEU A 160 8.03 17.44 0.37
C LEU A 160 6.69 17.02 -0.21
N LEU A 161 6.07 17.92 -0.96
CA LEU A 161 4.80 17.64 -1.60
C LEU A 161 4.89 16.55 -2.66
N ALA A 162 5.95 16.56 -3.44
CA ALA A 162 6.13 15.53 -4.44
C ALA A 162 6.18 14.15 -3.82
N TRP A 163 7.02 13.99 -2.81
CA TRP A 163 7.14 12.70 -2.16
C TRP A 163 5.84 12.31 -1.46
N ALA A 164 5.17 13.30 -0.88
CA ALA A 164 3.88 13.09 -0.25
C ALA A 164 2.79 12.67 -1.22
N TRP A 165 2.73 13.30 -2.38
CA TRP A 165 1.92 12.86 -3.50
C TRP A 165 2.22 11.42 -3.91
N ASN A 166 3.47 11.14 -4.23
CA ASN A 166 3.92 9.77 -4.46
C ASN A 166 3.42 8.78 -3.40
N MET A 167 3.63 9.10 -2.13
CA MET A 167 3.58 8.12 -1.06
C MET A 167 2.16 7.86 -0.60
N LEU A 168 1.33 8.89 -0.57
CA LEU A 168 -0.04 8.74 -0.15
C LEU A 168 -0.94 8.38 -1.33
N GLY A 169 -0.44 8.63 -2.54
CA GLY A 169 -1.26 8.54 -3.73
C GLY A 169 -2.48 9.42 -3.70
N GLN A 170 -2.33 10.62 -3.20
CA GLN A 170 -3.33 11.67 -3.34
C GLN A 170 -2.66 13.01 -3.55
N PRO A 171 -3.30 13.88 -4.32
CA PRO A 171 -2.84 15.26 -4.39
C PRO A 171 -2.98 15.93 -3.04
N ALA A 172 -2.23 17.00 -2.84
CA ALA A 172 -2.07 17.59 -1.52
C ALA A 172 -3.40 18.06 -0.94
N ASP A 173 -4.31 18.46 -1.82
CA ASP A 173 -5.59 19.00 -1.40
C ASP A 173 -6.59 17.94 -0.95
N GLN A 174 -6.26 16.67 -1.16
CA GLN A 174 -7.15 15.58 -0.80
C GLN A 174 -6.55 14.74 0.31
N ALA A 175 -5.24 14.80 0.44
CA ALA A 175 -4.51 14.10 1.46
C ALA A 175 -4.70 14.73 2.83
N SER A 176 -4.73 13.89 3.85
CA SER A 176 -4.75 14.33 5.23
C SER A 176 -3.34 14.51 5.78
N ALA A 177 -3.08 15.69 6.33
CA ALA A 177 -1.85 15.94 7.06
C ALA A 177 -1.61 14.91 8.15
N LEU A 178 -2.66 14.56 8.88
CA LEU A 178 -2.56 13.59 9.96
C LEU A 178 -2.08 12.24 9.47
N TRP A 179 -2.49 11.87 8.25
CA TRP A 179 -2.07 10.60 7.68
C TRP A 179 -0.61 10.60 7.26
N MET A 180 -0.15 11.70 6.68
CA MET A 180 1.28 11.88 6.45
CA MET A 180 1.26 11.86 6.47
C MET A 180 2.08 11.69 7.72
N LEU A 181 1.63 12.30 8.80
CA LEU A 181 2.30 12.21 10.07
C LEU A 181 2.27 10.80 10.63
N GLN A 182 1.18 10.09 10.38
CA GLN A 182 1.10 8.66 10.63
C GLN A 182 2.19 7.83 9.98
N LEU A 183 2.49 8.11 8.72
CA LEU A 183 3.54 7.37 8.00
C LEU A 183 4.87 7.76 8.60
N VAL A 184 5.02 9.05 8.87
CA VAL A 184 6.17 9.51 9.62
C VAL A 184 6.36 8.71 10.95
N ALA A 185 5.30 8.66 11.78
CA ALA A 185 5.35 7.83 13.02
C ALA A 185 5.71 6.36 12.74
N ALA A 186 5.07 5.74 11.76
CA ALA A 186 5.31 4.34 11.48
C ALA A 186 6.78 4.01 11.24
N HIS A 187 7.50 4.95 10.65
CA HIS A 187 8.90 4.78 10.33
C HIS A 187 9.81 5.23 11.47
N HIS A 188 9.44 4.86 12.68
CA HIS A 188 10.16 5.25 13.88
C HIS A 188 10.33 6.77 14.00
N TYR A 189 9.23 7.48 13.82
CA TYR A 189 9.24 8.93 13.86
C TYR A 189 10.34 9.57 13.02
N SER A 190 10.28 9.31 11.72
CA SER A 190 11.26 9.76 10.76
C SER A 190 10.58 10.22 9.49
N ILE A 191 10.84 11.45 9.07
CA ILE A 191 10.44 11.94 7.76
C ILE A 191 11.25 11.27 6.67
N LEU A 192 12.57 11.29 6.85
CA LEU A 192 13.47 10.71 5.86
C LEU A 192 13.11 9.26 5.62
N GLY A 193 12.85 8.54 6.70
CA GLY A 193 12.68 7.09 6.58
C GLY A 193 11.51 6.72 5.66
N VAL A 194 10.52 7.60 5.55
CA VAL A 194 9.39 7.30 4.67
C VAL A 194 9.86 6.98 3.23
N VAL A 195 10.91 7.64 2.79
CA VAL A 195 11.42 7.44 1.45
C VAL A 195 12.59 6.51 1.44
N LEU A 196 13.38 6.53 2.51
CA LEU A 196 14.45 5.50 2.64
C LEU A 196 13.95 4.05 2.80
N SER A 197 12.69 3.84 3.15
CA SER A 197 12.18 2.48 3.16
C SER A 197 12.04 1.86 1.79
N LEU A 198 12.20 2.63 0.71
CA LEU A 198 12.42 2.00 -0.61
C LEU A 198 13.81 1.43 -0.71
N ASP A 199 14.03 0.34 -0.02
CA ASP A 199 15.37 -0.11 0.16
C ASP A 199 15.68 -1.38 -0.67
N GLU A 200 14.86 -2.42 -0.60
CA GLU A 200 15.10 -3.53 -1.53
C GLU A 200 13.84 -4.01 -2.19
N VAL A 201 14.09 -4.88 -3.15
CA VAL A 201 13.06 -5.61 -3.85
C VAL A 201 13.30 -7.14 -3.81
N PHE A 202 12.22 -7.90 -3.97
CA PHE A 202 12.27 -9.32 -4.31
C PHE A 202 13.05 -9.59 -5.59
N SER A 203 14.18 -10.26 -5.46
CA SER A 203 14.98 -10.64 -6.63
C SER A 203 14.17 -11.37 -7.68
N ASN A 204 13.25 -12.22 -7.23
CA ASN A 204 12.49 -13.08 -8.12
C ASN A 204 11.01 -12.72 -8.16
N GLY A 205 10.65 -11.58 -7.60
CA GLY A 205 9.25 -11.20 -7.49
C GLY A 205 8.61 -11.50 -6.15
N SER A 206 7.60 -10.71 -5.80
CA SER A 206 6.79 -10.97 -4.64
C SER A 206 6.18 -12.38 -4.64
N ALA A 207 5.99 -12.93 -5.83
CA ALA A 207 5.45 -14.28 -5.95
C ALA A 207 6.31 -15.36 -5.33
N ASP A 208 7.63 -15.17 -5.40
CA ASP A 208 8.55 -15.98 -4.61
C ASP A 208 7.99 -16.22 -3.22
N LEU A 209 7.57 -15.17 -2.54
CA LEU A 209 7.25 -15.30 -1.11
C LEU A 209 5.80 -15.74 -1.00
N VAL A 210 4.95 -15.31 -1.95
CA VAL A 210 3.55 -15.75 -1.98
C VAL A 210 3.52 -17.26 -2.17
N ASP A 211 4.37 -17.77 -3.06
CA ASP A 211 4.36 -19.22 -3.32
C ASP A 211 4.88 -20.01 -2.14
N ALA A 212 6.00 -19.58 -1.54
CA ALA A 212 6.48 -20.20 -0.29
C ALA A 212 5.42 -20.31 0.82
N MET A 213 4.69 -19.25 1.10
CA MET A 213 3.73 -19.32 2.18
C MET A 213 2.55 -20.23 1.80
N SER A 214 2.08 -20.13 0.57
CA SER A 214 0.92 -20.90 0.23
C SER A 214 1.22 -22.41 0.17
N GLN A 215 2.47 -22.80 -0.04
CA GLN A 215 2.83 -24.23 0.08
C GLN A 215 2.51 -24.80 1.51
N GLU A 216 2.33 -23.93 2.50
CA GLU A 216 2.08 -24.40 3.83
C GLU A 216 0.58 -24.26 4.16
N ILE A 217 -0.24 -23.94 3.16
CA ILE A 217 -1.67 -23.80 3.48
C ILE A 217 -2.36 -24.97 2.79
N PRO A 218 -2.93 -25.90 3.58
CA PRO A 218 -3.48 -27.14 3.01
C PRO A 218 -4.71 -26.95 2.18
N GLU A 219 -5.56 -25.97 2.47
CA GLU A 219 -6.79 -25.82 1.72
C GLU A 219 -7.05 -24.42 1.19
N ILE A 220 -6.99 -24.28 -0.12
CA ILE A 220 -7.22 -22.99 -0.76
C ILE A 220 -8.24 -23.13 -1.87
N ARG A 221 -9.25 -22.27 -1.88
CA ARG A 221 -10.12 -22.14 -3.03
C ARG A 221 -9.97 -20.83 -3.76
N LEU A 222 -9.59 -20.91 -5.03
CA LEU A 222 -9.52 -19.75 -5.88
C LEU A 222 -10.87 -19.49 -6.52
N GLN A 223 -11.02 -18.33 -7.13
CA GLN A 223 -12.22 -18.00 -7.87
C GLN A 223 -13.48 -18.13 -7.02
N THR A 224 -13.31 -17.97 -5.72
CA THR A 224 -14.41 -18.04 -4.80
C THR A 224 -14.57 -16.70 -4.11
N VAL A 225 -15.62 -15.98 -4.49
CA VAL A 225 -15.86 -14.64 -4.02
C VAL A 225 -16.87 -14.68 -2.90
N VAL A 226 -16.48 -14.18 -1.74
CA VAL A 226 -17.39 -14.10 -0.62
C VAL A 226 -18.33 -12.92 -0.75
N THR A 227 -19.62 -13.19 -0.56
CA THR A 227 -20.66 -12.20 -0.70
C THR A 227 -21.43 -12.00 0.59
N GLY A 228 -21.26 -12.92 1.53
CA GLY A 228 -21.98 -12.87 2.78
C GLY A 228 -21.24 -13.50 3.94
N ILE A 229 -21.31 -12.83 5.08
CA ILE A 229 -20.78 -13.38 6.31
C ILE A 229 -21.74 -13.19 7.46
N ASP A 230 -22.23 -14.30 7.98
CA ASP A 230 -23.41 -14.33 8.83
C ASP A 230 -23.12 -15.05 10.13
N GLN A 231 -23.03 -14.29 11.21
CA GLN A 231 -22.73 -14.84 12.52
C GLN A 231 -23.92 -14.79 13.49
N SER A 232 -25.14 -14.83 12.95
CA SER A 232 -26.33 -14.82 13.78
C SER A 232 -26.56 -16.09 14.59
N GLY A 233 -26.06 -17.21 14.07
CA GLY A 233 -26.10 -18.46 14.82
C GLY A 233 -24.78 -18.82 15.45
N ASP A 234 -24.67 -20.05 15.90
CA ASP A 234 -23.62 -20.44 16.81
C ASP A 234 -22.30 -20.49 16.05
N VAL A 235 -22.39 -20.85 14.78
CA VAL A 235 -21.24 -20.96 13.90
C VAL A 235 -21.40 -20.03 12.71
N VAL A 236 -20.32 -19.34 12.36
CA VAL A 236 -20.37 -18.39 11.27
C VAL A 236 -20.64 -19.09 9.93
N ASN A 237 -21.58 -18.54 9.17
CA ASN A 237 -21.76 -18.98 7.75
C ASN A 237 -21.26 -17.92 6.74
N VAL A 238 -20.49 -18.40 5.75
CA VAL A 238 -19.93 -17.60 4.68
C VAL A 238 -20.50 -18.09 3.32
N THR A 239 -21.30 -17.24 2.71
CA THR A 239 -21.83 -17.55 1.43
C THR A 239 -20.93 -16.94 0.36
N VAL A 240 -21.05 -17.53 -0.82
CA VAL A 240 -20.08 -17.39 -1.88
C VAL A 240 -20.85 -17.19 -3.19
N LYS A 241 -20.27 -16.45 -4.12
N LYS A 241 -20.27 -16.45 -4.12
CA LYS A 241 -21.02 -15.99 -5.28
CA LYS A 241 -21.02 -16.02 -5.30
C LYS A 241 -21.66 -17.12 -6.08
C LYS A 241 -21.65 -17.15 -6.10
N ASP A 242 -20.96 -18.24 -6.23
N ASP A 242 -20.91 -18.24 -6.31
CA ASP A 242 -21.54 -19.43 -6.84
CA ASP A 242 -21.48 -19.48 -6.83
C ASP A 242 -21.04 -20.73 -6.25
C ASP A 242 -22.82 -19.80 -6.18
N GLY A 243 -21.44 -21.02 -5.02
N GLY A 243 -22.89 -19.59 -4.87
CA GLY A 243 -20.93 -22.19 -4.30
CA GLY A 243 -24.06 -19.97 -4.10
C GLY A 243 -21.84 -22.52 -3.14
C GLY A 243 -23.72 -20.97 -3.03
N HIS A 244 -21.63 -23.65 -2.49
N HIS A 244 -22.58 -21.62 -3.16
CA HIS A 244 -22.18 -23.78 -1.16
CA HIS A 244 -22.06 -22.47 -2.10
C HIS A 244 -21.61 -22.66 -0.31
C HIS A 244 -21.98 -21.73 -0.76
N ALA A 245 -22.28 -22.38 0.79
N ALA A 245 -21.70 -22.47 0.31
CA ALA A 245 -21.67 -21.80 1.95
CA ALA A 245 -21.45 -21.88 1.63
C ALA A 245 -20.58 -22.69 2.54
C ALA A 245 -20.51 -22.71 2.48
N PHE A 246 -19.70 -22.04 3.28
CA PHE A 246 -18.76 -22.68 4.18
C PHE A 246 -18.94 -22.13 5.57
N GLN A 247 -18.63 -22.92 6.59
CA GLN A 247 -18.91 -22.56 7.98
C GLN A 247 -17.65 -22.62 8.88
N ALA A 248 -17.55 -21.76 9.89
CA ALA A 248 -16.34 -21.80 10.74
C ALA A 248 -16.62 -21.15 12.08
N HIS A 249 -15.91 -21.61 13.10
CA HIS A 249 -16.08 -20.90 14.35
C HIS A 249 -15.65 -19.46 14.18
N SER A 250 -14.58 -19.22 13.45
CA SER A 250 -14.09 -17.85 13.23
C SER A 250 -13.87 -17.51 11.76
N VAL A 251 -14.19 -16.27 11.40
CA VAL A 251 -13.90 -15.78 10.07
C VAL A 251 -12.95 -14.59 10.11
N ILE A 252 -11.88 -14.68 9.36
CA ILE A 252 -11.01 -13.54 9.14
C ILE A 252 -11.28 -12.87 7.79
N VAL A 253 -11.74 -11.63 7.84
CA VAL A 253 -11.76 -10.78 6.67
C VAL A 253 -10.39 -10.18 6.35
N ALA A 254 -9.77 -10.67 5.28
CA ALA A 254 -8.48 -10.19 4.81
C ALA A 254 -8.57 -9.70 3.38
N THR A 255 -9.73 -9.15 3.04
CA THR A 255 -9.92 -8.49 1.76
C THR A 255 -9.70 -7.00 1.95
N PRO A 256 -9.54 -6.26 0.87
CA PRO A 256 -9.25 -4.84 0.99
C PRO A 256 -10.44 -4.07 1.54
N MET A 257 -10.15 -3.03 2.29
CA MET A 257 -11.16 -2.27 2.99
C MET A 257 -12.25 -1.77 2.06
N ASN A 258 -11.87 -1.40 0.86
CA ASN A 258 -12.80 -0.76 -0.06
C ASN A 258 -13.72 -1.78 -0.71
N THR A 259 -13.51 -3.06 -0.42
CA THR A 259 -14.41 -4.13 -0.84
C THR A 259 -15.41 -4.59 0.21
N TRP A 260 -15.20 -4.24 1.46
CA TRP A 260 -16.10 -4.68 2.51
C TRP A 260 -17.53 -4.25 2.32
N ARG A 261 -17.75 -3.07 1.78
CA ARG A 261 -19.10 -2.60 1.51
C ARG A 261 -19.85 -3.52 0.52
N ARG A 262 -19.13 -4.38 -0.22
CA ARG A 262 -19.83 -5.32 -1.10
C ARG A 262 -20.25 -6.62 -0.37
N ILE A 263 -19.84 -6.86 0.88
CA ILE A 263 -20.21 -8.09 1.55
C ILE A 263 -21.37 -7.78 2.45
N VAL A 264 -22.37 -8.65 2.46
CA VAL A 264 -23.45 -8.54 3.39
C VAL A 264 -23.07 -9.16 4.72
N PHE A 265 -22.95 -8.32 5.74
CA PHE A 265 -22.66 -8.78 7.08
C PHE A 265 -23.93 -8.95 7.90
N THR A 266 -24.06 -10.08 8.59
CA THR A 266 -25.20 -10.35 9.45
C THR A 266 -24.77 -10.82 10.83
N PRO A 267 -25.12 -10.05 11.84
CA PRO A 267 -25.81 -8.79 11.64
C PRO A 267 -24.86 -7.71 11.14
N ALA A 268 -25.41 -6.53 10.93
CA ALA A 268 -24.66 -5.40 10.42
C ALA A 268 -23.49 -5.06 11.33
N LEU A 269 -22.41 -4.59 10.71
CA LEU A 269 -21.25 -4.14 11.47
C LEU A 269 -21.64 -2.98 12.37
N PRO A 270 -20.90 -2.80 13.46
CA PRO A 270 -21.20 -1.75 14.41
C PRO A 270 -21.30 -0.43 13.67
N GLU A 271 -22.23 0.39 14.11
CA GLU A 271 -22.64 1.48 13.28
C GLU A 271 -21.55 2.53 13.00
N ARG A 272 -20.71 2.82 14.01
CA ARG A 272 -19.60 3.75 13.83
C ARG A 272 -18.60 3.40 12.70
N ARG A 273 -18.59 2.13 12.28
CA ARG A 273 -17.75 1.70 11.19
C ARG A 273 -18.37 1.96 9.84
N ARG A 274 -19.70 2.11 9.82
CA ARG A 274 -20.41 1.80 8.59
C ARG A 274 -20.25 2.87 7.55
N SER A 275 -20.19 4.10 7.99
CA SER A 275 -20.10 5.17 7.06
C SER A 275 -18.76 5.18 6.27
N VAL A 276 -17.66 5.01 7.00
CA VAL A 276 -16.33 5.03 6.39
C VAL A 276 -16.23 3.79 5.45
N ILE A 277 -16.80 2.65 5.89
CA ILE A 277 -16.82 1.41 5.06
C ILE A 277 -17.54 1.65 3.74
N GLU A 278 -18.65 2.36 3.83
CA GLU A 278 -19.43 2.76 2.69
C GLU A 278 -18.72 3.76 1.78
N GLU A 279 -18.17 4.81 2.36
CA GLU A 279 -17.42 5.79 1.60
C GLU A 279 -16.18 5.19 0.94
N GLY A 280 -15.54 4.23 1.60
CA GLY A 280 -14.20 3.83 1.25
C GLY A 280 -13.14 4.83 1.63
N HIS A 281 -11.89 4.38 1.68
CA HIS A 281 -10.77 5.28 1.82
C HIS A 281 -10.50 6.03 0.53
N GLY A 282 -9.66 7.03 0.60
CA GLY A 282 -9.46 7.91 -0.54
C GLY A 282 -8.20 7.66 -1.35
N GLY A 283 -7.54 6.51 -1.19
CA GLY A 283 -6.24 6.26 -1.90
C GLY A 283 -6.47 6.11 -3.38
N GLN A 284 -5.69 6.87 -4.16
CA GLN A 284 -5.74 6.81 -5.60
C GLN A 284 -4.32 6.65 -6.20
N GLY A 285 -3.40 6.06 -5.44
CA GLY A 285 -2.08 5.78 -5.98
C GLY A 285 -2.19 5.08 -7.33
N LEU A 286 -1.18 5.39 -8.18
CA LEU A 286 -1.08 4.94 -9.54
C LEU A 286 0.39 4.79 -9.85
N LYS A 287 0.85 3.51 -9.99
CA LYS A 287 2.21 3.19 -10.21
C LYS A 287 2.28 2.76 -11.68
N ILE A 288 3.10 3.44 -12.51
CA ILE A 288 3.08 3.14 -13.96
C ILE A 288 4.49 2.69 -14.32
N LEU A 289 4.62 1.50 -14.95
CA LEU A 289 5.93 1.05 -15.42
C LEU A 289 6.03 1.61 -16.84
N ILE A 290 7.14 2.28 -17.13
CA ILE A 290 7.29 2.96 -18.40
C ILE A 290 8.50 2.38 -19.12
N HIS A 291 8.20 1.76 -20.27
CA HIS A 291 9.22 1.20 -21.14
C HIS A 291 9.84 2.31 -21.96
N VAL A 292 11.15 2.52 -21.85
CA VAL A 292 11.78 3.74 -22.48
C VAL A 292 13.05 3.40 -23.22
N ARG A 293 13.39 4.25 -24.15
CA ARG A 293 14.67 4.18 -24.81
C ARG A 293 15.47 5.47 -24.64
N GLY A 294 16.76 5.32 -24.42
CA GLY A 294 17.66 6.45 -24.37
C GLY A 294 17.86 7.03 -22.99
N ALA A 295 17.35 6.36 -21.98
CA ALA A 295 17.63 6.73 -20.60
C ALA A 295 18.90 6.08 -20.10
N GLU A 296 19.77 6.91 -19.53
CA GLU A 296 20.87 6.43 -18.72
C GLU A 296 20.35 5.64 -17.54
N ALA A 297 21.18 4.75 -17.01
CA ALA A 297 20.82 3.99 -15.83
C ALA A 297 20.96 4.85 -14.59
N GLY A 298 20.18 4.51 -13.57
CA GLY A 298 20.33 5.09 -12.26
C GLY A 298 19.62 6.42 -12.09
N ILE A 299 18.65 6.70 -12.95
CA ILE A 299 17.96 7.97 -12.92
C ILE A 299 16.97 8.01 -11.78
N GLU A 300 17.03 9.07 -10.99
CA GLU A 300 15.90 9.47 -10.16
C GLU A 300 15.48 10.91 -10.41
N CYS A 301 14.18 11.12 -10.60
CA CYS A 301 13.64 12.45 -10.76
C CYS A 301 12.50 12.71 -9.78
N VAL A 302 12.56 13.84 -9.11
CA VAL A 302 11.48 14.30 -8.26
C VAL A 302 11.16 15.73 -8.68
N GLY A 303 9.89 16.13 -8.71
CA GLY A 303 9.70 17.56 -9.01
C GLY A 303 8.26 17.94 -9.03
N ASP A 304 7.93 19.03 -9.76
CA ASP A 304 6.53 19.44 -9.72
C ASP A 304 5.70 18.94 -10.90
N GLY A 305 6.14 17.91 -11.64
CA GLY A 305 5.32 17.45 -12.74
C GLY A 305 4.12 16.63 -12.27
N ILE A 306 3.23 16.30 -13.19
CA ILE A 306 2.07 15.47 -12.89
CA ILE A 306 2.08 15.50 -12.87
C ILE A 306 2.52 14.06 -12.45
N PHE A 307 3.71 13.65 -12.88
CA PHE A 307 4.49 12.67 -12.15
C PHE A 307 5.41 13.35 -11.12
N PRO A 308 5.05 13.30 -9.86
CA PRO A 308 5.92 13.85 -8.82
C PRO A 308 7.27 13.13 -8.75
N THR A 309 7.25 11.82 -8.90
CA THR A 309 8.47 11.03 -9.03
C THR A 309 8.55 10.25 -10.33
N LEU A 310 9.77 10.01 -10.76
CA LEU A 310 10.06 9.09 -11.84
C LEU A 310 11.42 8.46 -11.61
N TYR A 311 11.51 7.15 -11.51
CA TYR A 311 12.91 6.65 -11.24
C TYR A 311 13.22 5.35 -11.91
N ASP A 312 14.49 5.02 -11.99
CA ASP A 312 14.95 3.75 -12.56
C ASP A 312 14.33 2.51 -11.90
N TYR A 313 14.15 1.47 -12.70
CA TYR A 313 13.61 0.20 -12.24
C TYR A 313 14.40 -1.02 -12.69
N CYS A 314 14.41 -1.28 -13.99
CA CYS A 314 15.28 -2.29 -14.55
C CYS A 314 15.81 -2.03 -15.97
N GLU A 315 17.03 -2.49 -16.21
CA GLU A 315 17.58 -2.63 -17.55
C GLU A 315 16.80 -3.60 -18.40
N VAL A 316 16.39 -3.18 -19.58
CA VAL A 316 15.81 -4.09 -20.54
C VAL A 316 16.96 -4.46 -21.48
N SER A 317 17.72 -3.46 -21.96
CA SER A 317 18.83 -3.74 -22.84
C SER A 317 19.88 -2.67 -22.70
N GLU A 318 20.73 -2.61 -23.69
CA GLU A 318 21.79 -1.62 -23.69
C GLU A 318 21.15 -0.22 -23.90
N SER A 319 19.98 -0.19 -24.53
CA SER A 319 19.40 1.08 -24.81
C SER A 319 17.98 1.28 -24.24
N GLU A 320 17.38 0.23 -23.66
CA GLU A 320 16.00 0.29 -23.16
C GLU A 320 15.95 -0.03 -21.65
N ARG A 321 15.02 0.61 -20.94
CA ARG A 321 14.88 0.45 -19.49
C ARG A 321 13.39 0.48 -19.18
N LEU A 322 13.01 0.03 -17.98
CA LEU A 322 11.76 0.43 -17.40
C LEU A 322 12.10 1.44 -16.30
N LEU A 323 11.36 2.54 -16.32
CA LEU A 323 11.24 3.45 -15.22
C LEU A 323 9.93 3.21 -14.50
N VAL A 324 9.83 3.74 -13.30
CA VAL A 324 8.58 3.77 -12.59
C VAL A 324 8.17 5.18 -12.21
N ALA A 325 6.90 5.47 -12.44
CA ALA A 325 6.33 6.75 -12.11
C ALA A 325 5.19 6.54 -11.15
N PHE A 326 5.12 7.37 -10.13
CA PHE A 326 3.91 7.45 -9.34
C PHE A 326 3.16 8.76 -9.57
N THR A 327 1.84 8.66 -9.59
CA THR A 327 0.95 9.80 -9.57
C THR A 327 -0.32 9.33 -8.90
N ASP A 328 -1.45 9.96 -9.19
CA ASP A 328 -2.72 9.44 -8.74
C ASP A 328 -3.76 9.38 -9.84
N SER A 329 -4.69 8.43 -9.69
CA SER A 329 -5.63 8.09 -10.74
C SER A 329 -6.74 9.11 -10.86
N GLY A 330 -6.87 9.97 -9.86
CA GLY A 330 -7.80 11.10 -10.02
C GLY A 330 -7.14 12.22 -10.85
N SER A 331 -5.83 12.35 -10.78
CA SER A 331 -5.14 13.40 -11.53
C SER A 331 -4.70 13.03 -12.95
N PHE A 332 -4.60 11.74 -13.23
CA PHE A 332 -3.88 11.28 -14.40
C PHE A 332 -4.49 10.03 -15.01
N ASP A 333 -4.62 10.06 -16.33
CA ASP A 333 -5.09 8.92 -17.10
C ASP A 333 -3.96 8.20 -17.82
N PRO A 334 -3.58 7.06 -17.28
CA PRO A 334 -2.45 6.30 -17.82
C PRO A 334 -2.68 5.76 -19.23
N THR A 335 -3.93 5.72 -19.67
CA THR A 335 -4.21 5.21 -21.01
C THR A 335 -4.05 6.38 -22.01
N ASP A 336 -3.84 7.61 -21.49
CA ASP A 336 -3.47 8.74 -22.37
C ASP A 336 -1.95 8.74 -22.53
N ILE A 337 -1.48 8.00 -23.50
CA ILE A 337 -0.09 7.95 -23.79
C ILE A 337 0.57 9.28 -24.23
N GLY A 338 -0.17 10.16 -24.88
CA GLY A 338 0.32 11.49 -25.09
C GLY A 338 0.67 12.18 -23.79
N ALA A 339 -0.21 12.05 -22.81
CA ALA A 339 0.04 12.48 -21.45
C ALA A 339 1.27 11.86 -20.80
N VAL A 340 1.45 10.56 -20.95
CA VAL A 340 2.63 9.91 -20.41
C VAL A 340 3.94 10.50 -20.95
N LYS A 341 3.98 10.73 -22.25
CA LYS A 341 5.15 11.27 -22.90
C LYS A 341 5.50 12.67 -22.41
N ASP A 342 4.49 13.53 -22.31
CA ASP A 342 4.65 14.84 -21.74
C ASP A 342 5.21 14.78 -20.32
N ALA A 343 4.62 13.92 -19.50
CA ALA A 343 5.01 13.77 -18.10
C ALA A 343 6.44 13.28 -17.99
N VAL A 344 6.82 12.33 -18.82
CA VAL A 344 8.19 11.86 -18.88
C VAL A 344 9.16 12.93 -19.36
N LEU A 345 8.86 13.53 -20.51
CA LEU A 345 9.76 14.45 -21.16
C LEU A 345 10.03 15.71 -20.35
N TYR A 346 9.09 16.06 -19.49
CA TYR A 346 9.28 17.13 -18.54
C TYR A 346 10.59 16.96 -17.79
N TYR A 347 10.78 15.79 -17.22
CA TYR A 347 12.02 15.44 -16.53
C TYR A 347 13.15 15.05 -17.48
N LEU A 348 12.79 14.35 -18.55
CA LEU A 348 13.78 13.68 -19.36
C LEU A 348 13.60 13.93 -20.85
N PRO A 349 13.92 15.13 -21.32
CA PRO A 349 13.47 15.52 -22.65
C PRO A 349 14.16 14.74 -23.78
N GLU A 350 15.15 13.94 -23.43
CA GLU A 350 15.94 13.23 -24.41
C GLU A 350 15.47 11.77 -24.62
N VAL A 351 14.45 11.37 -23.88
CA VAL A 351 14.11 9.97 -23.76
C VAL A 351 12.86 9.66 -24.60
N GLU A 352 12.82 8.50 -25.24
CA GLU A 352 11.53 8.07 -25.88
C GLU A 352 10.79 7.00 -25.11
N VAL A 353 9.52 7.27 -24.91
CA VAL A 353 8.56 6.33 -24.35
C VAL A 353 8.13 5.29 -25.37
N LEU A 354 8.35 4.03 -25.04
CA LEU A 354 7.98 2.93 -25.90
C LEU A 354 6.64 2.31 -25.55
N GLY A 355 6.22 2.44 -24.30
CA GLY A 355 5.04 1.77 -23.81
C GLY A 355 4.87 1.88 -22.31
N ILE A 356 3.72 1.46 -21.81
CA ILE A 356 3.46 1.48 -20.39
C ILE A 356 2.79 0.20 -19.88
N ASP A 357 2.83 0.03 -18.56
CA ASP A 357 2.26 -1.11 -17.89
C ASP A 357 1.84 -0.68 -16.50
N TYR A 358 0.66 -1.12 -16.09
CA TYR A 358 0.11 -0.80 -14.78
C TYR A 358 -1.10 -1.67 -14.54
N HIS A 359 -1.64 -1.64 -13.36
CA HIS A 359 -2.89 -2.29 -13.09
C HIS A 359 -3.83 -1.27 -12.50
N ASP A 360 -5.00 -1.16 -13.11
CA ASP A 360 -6.04 -0.27 -12.62
C ASP A 360 -6.70 -0.86 -11.38
N TRP A 361 -6.07 -0.65 -10.23
CA TRP A 361 -6.48 -1.24 -8.98
C TRP A 361 -7.86 -0.72 -8.56
N ILE A 362 -8.13 0.51 -8.96
CA ILE A 362 -9.32 1.20 -8.52
C ILE A 362 -10.55 0.65 -9.21
N ALA A 363 -10.37 0.23 -10.46
CA ALA A 363 -11.44 -0.39 -11.23
C ALA A 363 -11.64 -1.88 -10.97
N ASP A 364 -10.68 -2.51 -10.33
CA ASP A 364 -10.69 -3.95 -10.11
C ASP A 364 -11.62 -4.28 -8.95
N PRO A 365 -12.62 -5.13 -9.22
CA PRO A 365 -13.68 -5.37 -8.23
C PRO A 365 -13.20 -6.17 -7.03
N LEU A 366 -12.06 -6.84 -7.17
CA LEU A 366 -11.40 -7.46 -6.04
C LEU A 366 -10.59 -6.49 -5.16
N PHE A 367 -10.60 -5.21 -5.49
CA PHE A 367 -9.77 -4.26 -4.79
C PHE A 367 -10.43 -2.92 -4.53
N GLU A 368 -10.93 -2.30 -5.59
CA GLU A 368 -11.59 -1.01 -5.51
C GLU A 368 -10.70 0.06 -4.90
N GLY A 369 -9.42 -0.04 -5.20
CA GLY A 369 -8.40 0.78 -4.56
C GLY A 369 -7.02 0.20 -4.70
N PRO A 370 -6.02 1.08 -4.67
CA PRO A 370 -4.66 0.70 -4.38
C PRO A 370 -4.42 0.59 -2.87
N TRP A 371 -3.30 1.12 -2.40
CA TRP A 371 -3.05 1.14 -0.97
C TRP A 371 -3.88 2.17 -0.22
N VAL A 372 -4.12 1.90 1.05
CA VAL A 372 -4.87 2.80 1.90
C VAL A 372 -4.33 4.23 1.97
N ALA A 373 -5.22 5.19 1.82
CA ALA A 373 -5.07 6.51 2.39
C ALA A 373 -6.44 7.13 2.67
N PRO A 374 -6.65 7.56 3.90
CA PRO A 374 -7.93 8.15 4.30
C PRO A 374 -8.22 9.43 3.56
N ARG A 375 -9.49 9.63 3.24
CA ARG A 375 -10.04 10.95 3.09
C ARG A 375 -9.87 11.80 4.33
N VAL A 376 -9.69 13.09 4.12
CA VAL A 376 -9.64 14.07 5.20
C VAL A 376 -10.84 13.94 6.10
N GLY A 377 -10.61 13.91 7.40
CA GLY A 377 -11.67 13.72 8.36
C GLY A 377 -12.03 12.30 8.69
N GLN A 378 -11.60 11.35 7.87
CA GLN A 378 -12.05 9.98 8.04
C GLN A 378 -11.51 9.35 9.31
N PHE A 379 -10.19 9.34 9.43
CA PHE A 379 -9.55 8.47 10.38
C PHE A 379 -9.43 9.10 11.75
N SER A 380 -9.65 10.41 11.84
CA SER A 380 -9.87 10.95 13.16
C SER A 380 -11.30 10.66 13.68
N ARG A 381 -12.26 10.28 12.82
CA ARG A 381 -13.56 9.78 13.31
C ARG A 381 -13.54 8.30 13.66
N VAL A 382 -12.98 7.48 12.79
CA VAL A 382 -12.87 6.07 13.07
C VAL A 382 -11.70 5.40 12.36
N HIS A 383 -10.92 4.71 13.20
CA HIS A 383 -9.66 4.16 12.71
C HIS A 383 -9.33 2.78 13.27
N LYS A 384 -8.98 2.74 14.52
CA LYS A 384 -8.71 1.50 15.19
C LYS A 384 -9.92 0.56 15.14
N GLU A 385 -11.11 1.12 15.22
CA GLU A 385 -12.32 0.31 15.20
C GLU A 385 -12.44 -0.53 13.94
N LEU A 386 -11.92 -0.03 12.83
CA LEU A 386 -12.08 -0.71 11.55
C LEU A 386 -11.39 -2.06 11.54
N GLY A 387 -10.34 -2.20 12.34
CA GLY A 387 -9.59 -3.44 12.41
C GLY A 387 -9.77 -4.18 13.71
N GLU A 388 -10.81 -3.85 14.44
CA GLU A 388 -11.23 -4.67 15.57
C GLU A 388 -12.22 -5.74 15.16
N PRO A 389 -12.23 -6.84 15.92
CA PRO A 389 -13.24 -7.87 15.75
C PRO A 389 -14.64 -7.32 15.90
N ALA A 390 -15.57 -7.87 15.14
CA ALA A 390 -16.98 -7.78 15.46
C ALA A 390 -17.53 -9.16 15.75
N GLY A 391 -17.72 -9.47 17.03
CA GLY A 391 -18.02 -10.86 17.38
C GLY A 391 -16.93 -11.78 16.86
N ARG A 392 -17.30 -12.67 15.97
CA ARG A 392 -16.37 -13.72 15.57
C ARG A 392 -15.70 -13.40 14.22
N ILE A 393 -16.01 -12.23 13.68
CA ILE A 393 -15.42 -11.75 12.46
C ILE A 393 -14.27 -10.79 12.76
N HIS A 394 -13.07 -11.19 12.37
CA HIS A 394 -11.90 -10.35 12.45
C HIS A 394 -11.64 -9.62 11.15
N PHE A 395 -11.06 -8.44 11.28
CA PHE A 395 -10.67 -7.64 10.14
C PHE A 395 -9.17 -7.39 10.17
N VAL A 396 -8.49 -7.88 9.14
CA VAL A 396 -7.06 -7.70 9.02
C VAL A 396 -6.73 -7.02 7.71
N GLY A 397 -5.45 -6.92 7.42
CA GLY A 397 -4.98 -6.27 6.22
C GLY A 397 -4.17 -5.03 6.47
N SER A 398 -3.22 -4.78 5.59
CA SER A 398 -2.59 -3.49 5.40
C SER A 398 -3.48 -2.26 5.62
N ASP A 399 -4.63 -2.22 4.97
CA ASP A 399 -5.52 -1.08 5.07
C ASP A 399 -5.81 -0.67 6.51
N VAL A 400 -5.78 -1.61 7.44
CA VAL A 400 -6.18 -1.35 8.81
C VAL A 400 -5.12 -1.52 9.87
N SER A 401 -3.87 -1.69 9.46
CA SER A 401 -2.77 -1.72 10.41
C SER A 401 -2.61 -0.36 11.10
N LEU A 402 -2.46 -0.38 12.41
CA LEU A 402 -2.12 0.82 13.15
C LEU A 402 -0.63 1.08 13.14
N GLU A 403 0.12 0.04 12.82
CA GLU A 403 1.56 0.04 13.01
C GLU A 403 2.31 0.33 11.74
N PHE A 404 1.90 -0.30 10.65
CA PHE A 404 2.48 -0.03 9.34
C PHE A 404 1.49 -0.03 8.18
N PRO A 405 0.52 0.88 8.19
CA PRO A 405 -0.55 0.86 7.20
C PRO A 405 -0.04 1.15 5.79
N GLY A 406 -0.63 0.48 4.81
CA GLY A 406 -0.29 0.67 3.43
C GLY A 406 0.97 -0.04 2.98
N TYR A 407 1.60 -0.77 3.90
CA TYR A 407 2.76 -1.58 3.54
C TYR A 407 2.49 -3.06 3.68
N ILE A 408 3.23 -3.87 2.94
CA ILE A 408 3.26 -5.29 3.20
C ILE A 408 3.43 -5.63 4.68
N GLU A 409 4.33 -4.93 5.36
CA GLU A 409 4.48 -5.09 6.79
C GLU A 409 3.19 -5.01 7.58
N GLY A 410 2.28 -4.12 7.18
CA GLY A 410 1.01 -3.97 7.84
C GLY A 410 0.02 -5.11 7.68
N ALA A 411 -0.01 -5.70 6.48
CA ALA A 411 -0.67 -6.98 6.28
C ALA A 411 -0.18 -8.05 7.25
N LEU A 412 1.13 -8.15 7.40
CA LEU A 412 1.72 -9.16 8.27
C LEU A 412 1.42 -8.87 9.72
N GLU A 413 1.46 -7.60 10.10
CA GLU A 413 1.22 -7.19 11.47
C GLU A 413 -0.20 -7.51 11.91
N THR A 414 -1.16 -7.16 11.07
CA THR A 414 -2.55 -7.40 11.36
C THR A 414 -2.90 -8.89 11.46
N ALA A 415 -2.36 -9.69 10.56
CA ALA A 415 -2.51 -11.13 10.61
C ALA A 415 -2.00 -11.71 11.92
N GLU A 416 -0.81 -11.32 12.31
CA GLU A 416 -0.26 -11.66 13.61
C GLU A 416 -1.28 -11.42 14.72
N CYS A 417 -1.90 -10.26 14.72
CA CYS A 417 -2.78 -9.87 15.81
C CYS A 417 -4.07 -10.70 15.81
N ALA A 418 -4.56 -11.04 14.63
CA ALA A 418 -5.73 -11.90 14.52
C ALA A 418 -5.45 -13.33 14.93
N VAL A 419 -4.36 -13.90 14.44
CA VAL A 419 -4.00 -15.26 14.77
C VAL A 419 -3.99 -15.38 16.28
N ASN A 420 -3.38 -14.40 16.93
CA ASN A 420 -3.26 -14.38 18.37
C ASN A 420 -4.56 -14.20 19.12
N ALA A 421 -5.37 -13.24 18.70
CA ALA A 421 -6.72 -13.13 19.18
C ALA A 421 -7.46 -14.49 19.10
N ILE A 422 -7.27 -15.23 18.01
CA ILE A 422 -8.04 -16.43 17.80
C ILE A 422 -7.45 -17.52 18.68
N LEU A 423 -6.15 -17.56 18.88
CA LEU A 423 -5.60 -18.59 19.71
C LEU A 423 -5.98 -18.44 21.19
N HIS A 424 -6.01 -17.19 21.66
CA HIS A 424 -6.50 -16.87 23.00
C HIS A 424 -8.01 -16.78 23.17
N SER A 425 -8.77 -17.27 22.21
CA SER A 425 -10.21 -17.23 22.31
C SER A 425 -10.93 -18.57 22.44
#